data_1TW5
#
_entry.id   1TW5
#
_cell.length_a   50.370
_cell.length_b   92.550
_cell.length_c   143.410
_cell.angle_alpha   90.00
_cell.angle_beta   90.00
_cell.angle_gamma   90.00
#
_symmetry.space_group_name_H-M   'P 21 21 21'
#
loop_
_entity.id
_entity.type
_entity.pdbx_description
1 polymer 'Beta-1,4-galactosyltransferase 1'
2 branched 2-acetamido-2-deoxy-beta-D-glucopyranose-(1-4)-2-acetamido-2-deoxy-beta-D-glucopyranose
3 non-polymer 'MANGANESE (II) ION'
4 non-polymer "6-AMINOHEXYL-URIDINE-C1,5'-DIPHOSPHATE"
5 non-polymer 'SULFATE ION'
6 non-polymer '1,4-DIETHYLENE DIOXIDE'
7 non-polymer '2-(N-MORPHOLINO)-ETHANESULFONIC ACID'
8 water water
#
_entity_poly.entity_id   1
_entity_poly.type   'polypeptide(L)'
_entity_poly.pdbx_seq_one_letter_code
;ASMTGGQQMGRGSSLTACPEESPLLVGPMLIEFNIPVDLKLVEQQNPKVKLGGRYTPMDCISPHKVAIIIPFRNRQEHLK
YWLYYLHPILQRQQLDYGIYVINQAGESMFNRAKLLNVGFKEALKDYDYNCFVFSDVDLIPMNDHNTYRCFSQPRHISVA
MDKFGFSLPYVQYFGGVSALSKQQFLSINGFPNNYWGWGGEDDDIYNRLAFRGMSVSRPNAVIGKTRHIRHSRDKKNEPN
PQRFDRIAHTKETMLSDGLNSLTYMVLEVQRYPLYTKITVDIGTPS
;
_entity_poly.pdbx_strand_id   A,B
#
# COMPACT_ATOMS: atom_id res chain seq x y z
N LEU A 15 15.34 8.23 25.83
CA LEU A 15 13.90 8.61 26.03
C LEU A 15 13.14 7.64 26.91
N THR A 16 12.44 8.18 27.90
CA THR A 16 11.66 7.35 28.81
C THR A 16 10.23 7.25 28.27
N ALA A 17 9.48 6.26 28.76
CA ALA A 17 8.10 6.07 28.33
C ALA A 17 7.18 7.18 28.89
N CYS A 18 6.26 7.66 28.05
CA CYS A 18 5.33 8.71 28.47
C CYS A 18 4.55 8.28 29.71
N PRO A 19 4.16 9.26 30.56
CA PRO A 19 3.40 8.91 31.77
C PRO A 19 2.05 8.29 31.44
N GLU A 20 1.47 7.57 32.40
CA GLU A 20 0.19 6.91 32.21
C GLU A 20 -0.83 7.94 31.77
N GLU A 21 -0.79 9.10 32.39
CA GLU A 21 -1.67 10.22 32.03
C GLU A 21 -0.78 11.35 31.51
N SER A 22 -1.21 12.01 30.43
CA SER A 22 -0.43 13.10 29.85
C SER A 22 -0.51 14.39 30.66
N PRO A 23 0.63 15.03 30.93
CA PRO A 23 0.61 16.27 31.68
C PRO A 23 0.26 17.46 30.80
N LEU A 24 -0.05 17.21 29.54
CA LEU A 24 -0.37 18.31 28.64
C LEU A 24 -1.88 18.53 28.49
N LEU A 25 -2.64 17.60 29.04
CA LEU A 25 -4.11 17.65 28.98
C LEU A 25 -4.72 18.91 29.61
N VAL A 26 -5.76 19.44 28.96
CA VAL A 26 -6.44 20.63 29.50
C VAL A 26 -7.86 20.33 30.01
N GLY A 27 -8.44 19.22 29.56
CA GLY A 27 -9.78 18.86 29.99
C GLY A 27 -10.88 19.35 29.05
N PRO A 28 -12.01 19.83 29.59
CA PRO A 28 -13.10 20.33 28.74
C PRO A 28 -12.65 21.44 27.81
N MET A 29 -13.08 21.35 26.55
CA MET A 29 -12.72 22.34 25.54
C MET A 29 -13.98 22.83 24.87
N LEU A 30 -13.87 23.98 24.24
CA LEU A 30 -14.97 24.60 23.53
C LEU A 30 -14.94 24.12 22.08
N ILE A 31 -15.98 23.40 21.66
CA ILE A 31 -16.09 22.89 20.29
C ILE A 31 -17.24 23.56 19.56
N GLU A 32 -16.97 24.24 18.46
CA GLU A 32 -18.03 24.90 17.71
C GLU A 32 -17.81 24.72 16.21
N PHE A 33 -18.87 24.83 15.42
CA PHE A 33 -18.75 24.66 13.98
C PHE A 33 -19.32 25.79 13.14
N ASN A 34 -19.37 27.00 13.68
CA ASN A 34 -19.86 28.10 12.86
C ASN A 34 -18.60 28.65 12.20
N ILE A 35 -17.49 28.47 12.90
CA ILE A 35 -16.19 28.93 12.45
C ILE A 35 -15.78 28.34 11.11
N PRO A 36 -15.06 29.11 10.30
CA PRO A 36 -14.59 28.63 8.99
C PRO A 36 -13.21 27.98 9.21
N VAL A 37 -12.86 26.98 8.41
CA VAL A 37 -11.56 26.34 8.61
C VAL A 37 -10.64 26.28 7.39
N ASP A 38 -9.36 26.50 7.66
CA ASP A 38 -8.32 26.50 6.65
C ASP A 38 -7.26 25.50 7.08
N LEU A 39 -7.03 24.50 6.25
CA LEU A 39 -6.05 23.49 6.60
C LEU A 39 -4.63 24.03 6.61
N LYS A 40 -4.40 25.14 5.93
CA LYS A 40 -3.06 25.74 5.91
C LYS A 40 -2.74 26.24 7.31
N LEU A 41 -3.69 26.96 7.89
CA LEU A 41 -3.51 27.45 9.24
C LEU A 41 -3.31 26.24 10.15
N VAL A 42 -4.15 25.22 9.98
CA VAL A 42 -4.06 24.01 10.79
C VAL A 42 -2.69 23.39 10.63
N GLU A 43 -2.27 23.26 9.38
CA GLU A 43 -0.96 22.70 9.09
C GLU A 43 0.06 23.55 9.83
N GLN A 44 -0.13 24.86 9.72
CA GLN A 44 0.75 25.83 10.35
C GLN A 44 0.70 25.79 11.88
N GLN A 45 -0.48 25.66 12.47
CA GLN A 45 -0.60 25.60 13.92
C GLN A 45 -0.04 24.28 14.46
N ASN A 46 -0.07 23.23 13.63
CA ASN A 46 0.42 21.92 14.07
C ASN A 46 1.66 21.46 13.30
N PRO A 47 2.81 22.14 13.50
CA PRO A 47 4.08 21.83 12.84
C PRO A 47 4.70 20.46 13.07
N LYS A 48 4.43 19.85 14.21
CA LYS A 48 4.99 18.53 14.48
C LYS A 48 4.34 17.42 13.66
N VAL A 49 3.22 17.75 13.01
CA VAL A 49 2.50 16.79 12.18
C VAL A 49 3.18 16.69 10.83
N LYS A 50 3.67 15.50 10.51
CA LYS A 50 4.37 15.26 9.26
C LYS A 50 3.46 14.78 8.13
N LEU A 51 4.00 14.75 6.91
CA LEU A 51 3.26 14.32 5.73
C LEU A 51 2.36 13.14 6.05
N GLY A 52 1.13 13.22 5.57
CA GLY A 52 0.16 12.16 5.78
C GLY A 52 -0.45 12.18 7.17
N GLY A 53 -0.25 13.28 7.90
CA GLY A 53 -0.81 13.36 9.25
C GLY A 53 -0.22 12.41 10.28
N ARG A 54 1.09 12.20 10.26
CA ARG A 54 1.74 11.30 11.21
C ARG A 54 2.38 12.11 12.32
N TYR A 55 2.37 11.56 13.52
CA TYR A 55 2.95 12.25 14.65
C TYR A 55 3.46 11.29 15.71
N THR A 56 4.66 11.56 16.19
CA THR A 56 5.27 10.74 17.23
C THR A 56 5.86 11.65 18.29
N PRO A 57 5.65 11.31 19.57
CA PRO A 57 6.20 12.13 20.64
C PRO A 57 7.74 12.16 20.53
N MET A 58 8.27 13.36 20.71
CA MET A 58 9.69 13.64 20.59
C MET A 58 10.38 13.66 21.95
N ASP A 59 9.61 13.77 23.02
CA ASP A 59 10.14 13.83 24.37
C ASP A 59 9.86 12.62 25.26
N CYS A 60 9.17 11.61 24.73
CA CYS A 60 8.90 10.40 25.51
C CYS A 60 8.52 9.31 24.54
N ILE A 61 8.56 8.06 25.00
CA ILE A 61 8.19 6.94 24.14
C ILE A 61 6.78 6.56 24.48
N SER A 62 5.91 6.57 23.48
CA SER A 62 4.49 6.21 23.65
C SER A 62 4.22 4.77 23.26
N PRO A 63 3.50 4.04 24.11
CA PRO A 63 3.20 2.64 23.81
C PRO A 63 2.07 2.48 22.79
N HIS A 64 1.32 3.55 22.55
CA HIS A 64 0.20 3.48 21.62
C HIS A 64 0.50 3.93 20.21
N LYS A 65 0.67 2.97 19.31
CA LYS A 65 0.90 3.27 17.91
C LYS A 65 -0.53 3.16 17.35
N VAL A 66 -1.20 4.30 17.33
CA VAL A 66 -2.59 4.38 16.87
C VAL A 66 -2.84 4.82 15.45
N ALA A 67 -3.67 4.05 14.75
CA ALA A 67 -4.05 4.38 13.41
C ALA A 67 -5.51 4.80 13.56
N ILE A 68 -5.81 6.04 13.19
CA ILE A 68 -7.17 6.55 13.27
C ILE A 68 -7.75 6.47 11.87
N ILE A 69 -8.80 5.66 11.74
CA ILE A 69 -9.48 5.38 10.50
C ILE A 69 -10.82 6.13 10.40
N ILE A 70 -11.00 6.85 9.30
CA ILE A 70 -12.21 7.59 9.08
C ILE A 70 -12.87 7.11 7.80
N PRO A 71 -14.11 6.59 7.91
CA PRO A 71 -14.82 6.13 6.71
C PRO A 71 -15.17 7.44 6.01
N PHE A 72 -15.11 7.51 4.68
CA PHE A 72 -15.35 8.80 4.03
C PHE A 72 -15.89 8.80 2.61
N ARG A 73 -16.61 9.87 2.29
CA ARG A 73 -17.14 10.18 0.96
C ARG A 73 -17.94 11.46 1.02
N ASN A 74 -17.52 12.48 0.26
CA ASN A 74 -18.19 13.78 0.20
C ASN A 74 -18.46 14.40 1.57
N ARG A 75 -17.44 14.39 2.42
CA ARG A 75 -17.55 14.97 3.75
C ARG A 75 -16.35 15.83 4.03
N GLN A 76 -15.90 16.58 3.03
CA GLN A 76 -14.72 17.43 3.20
C GLN A 76 -14.82 18.49 4.30
N GLU A 77 -15.93 19.23 4.36
CA GLU A 77 -16.06 20.27 5.39
C GLU A 77 -16.01 19.68 6.79
N HIS A 78 -16.64 18.53 6.99
CA HIS A 78 -16.60 17.88 8.30
C HIS A 78 -15.16 17.51 8.64
N LEU A 79 -14.43 16.97 7.65
CA LEU A 79 -13.05 16.53 7.83
C LEU A 79 -12.17 17.68 8.28
N LYS A 80 -12.35 18.83 7.63
CA LYS A 80 -11.61 20.02 7.97
C LYS A 80 -11.77 20.30 9.47
N TYR A 81 -13.01 20.32 9.95
CA TYR A 81 -13.21 20.55 11.38
C TYR A 81 -12.58 19.44 12.19
N TRP A 82 -12.68 18.20 11.69
CA TRP A 82 -12.14 17.06 12.42
C TRP A 82 -10.65 17.25 12.61
N LEU A 83 -9.97 17.53 11.50
CA LEU A 83 -8.52 17.76 11.51
C LEU A 83 -8.20 18.95 12.43
N TYR A 84 -8.95 20.03 12.26
CA TYR A 84 -8.74 21.23 13.07
C TYR A 84 -8.77 20.96 14.57
N TYR A 85 -9.73 20.16 15.02
CA TYR A 85 -9.83 19.90 16.44
C TYR A 85 -9.03 18.74 16.99
N LEU A 86 -9.00 17.63 16.24
CA LEU A 86 -8.31 16.44 16.72
C LEU A 86 -6.78 16.47 16.74
N HIS A 87 -6.15 17.08 15.75
CA HIS A 87 -4.69 17.09 15.74
C HIS A 87 -4.09 17.68 17.02
N PRO A 88 -4.53 18.90 17.43
CA PRO A 88 -3.95 19.43 18.66
C PRO A 88 -4.24 18.48 19.84
N ILE A 89 -5.45 17.90 19.86
CA ILE A 89 -5.83 16.99 20.94
C ILE A 89 -5.00 15.72 21.01
N LEU A 90 -4.86 15.04 19.89
CA LEU A 90 -4.12 13.79 19.82
C LEU A 90 -2.68 13.98 20.26
N GLN A 91 -2.08 15.05 19.79
CA GLN A 91 -0.71 15.37 20.17
C GLN A 91 -0.64 15.50 21.70
N ARG A 92 -1.60 16.20 22.30
CA ARG A 92 -1.58 16.34 23.75
C ARG A 92 -1.74 15.02 24.45
N GLN A 93 -2.37 14.05 23.78
CA GLN A 93 -2.57 12.73 24.40
C GLN A 93 -1.32 11.88 24.27
N GLN A 94 -0.26 12.50 23.76
CA GLN A 94 1.03 11.84 23.59
C GLN A 94 0.93 10.50 22.89
N LEU A 95 0.26 10.48 21.74
CA LEU A 95 0.05 9.26 20.97
C LEU A 95 0.99 9.26 19.73
N ASP A 96 1.43 8.08 19.31
CA ASP A 96 2.29 7.94 18.11
C ASP A 96 1.24 7.53 17.09
N TYR A 97 0.66 8.50 16.39
CA TYR A 97 -0.44 8.19 15.49
C TYR A 97 -0.39 8.60 14.01
N GLY A 98 -1.43 8.16 13.28
CA GLY A 98 -1.57 8.47 11.89
C GLY A 98 -3.05 8.58 11.53
N ILE A 99 -3.38 9.47 10.60
CA ILE A 99 -4.77 9.68 10.20
C ILE A 99 -5.00 9.11 8.80
N TYR A 100 -6.02 8.26 8.68
CA TYR A 100 -6.37 7.62 7.43
C TYR A 100 -7.82 7.88 7.07
N VAL A 101 -8.02 8.51 5.91
CA VAL A 101 -9.34 8.84 5.43
C VAL A 101 -9.64 7.84 4.31
N ILE A 102 -10.56 6.91 4.55
CA ILE A 102 -10.85 5.91 3.54
C ILE A 102 -12.02 6.37 2.68
N ASN A 103 -11.66 6.92 1.54
CA ASN A 103 -12.63 7.47 0.60
C ASN A 103 -13.23 6.42 -0.34
N GLN A 104 -14.56 6.30 -0.29
CA GLN A 104 -15.24 5.34 -1.14
C GLN A 104 -15.42 5.94 -2.54
N ALA A 105 -14.84 5.28 -3.55
CA ALA A 105 -14.95 5.74 -4.93
C ALA A 105 -16.32 5.37 -5.47
N GLY A 106 -16.76 6.07 -6.53
CA GLY A 106 -18.06 5.77 -7.10
C GLY A 106 -19.24 6.35 -6.35
N GLU A 107 -20.44 5.88 -6.70
CA GLU A 107 -21.68 6.39 -6.12
C GLU A 107 -22.68 5.34 -5.75
N SER A 108 -22.22 4.13 -5.49
CA SER A 108 -23.14 3.07 -5.10
C SER A 108 -23.35 3.20 -3.59
N MET A 109 -24.22 2.38 -3.05
CA MET A 109 -24.52 2.40 -1.63
C MET A 109 -23.23 2.49 -0.77
N PHE A 110 -23.29 3.33 0.26
CA PHE A 110 -22.17 3.53 1.18
C PHE A 110 -21.97 2.28 2.02
N ASN A 111 -20.73 1.99 2.40
CA ASN A 111 -20.51 0.84 3.24
C ASN A 111 -19.51 1.22 4.32
N ARG A 112 -20.03 1.76 5.41
CA ARG A 112 -19.22 2.21 6.54
C ARG A 112 -18.17 1.22 7.03
N ALA A 113 -18.64 0.05 7.44
CA ALA A 113 -17.78 -1.00 8.00
C ALA A 113 -16.72 -1.55 7.10
N LYS A 114 -17.06 -1.76 5.82
CA LYS A 114 -16.08 -2.29 4.88
C LYS A 114 -14.97 -1.24 4.73
N LEU A 115 -15.36 0.02 4.73
CA LEU A 115 -14.39 1.11 4.64
C LEU A 115 -13.43 1.05 5.83
N LEU A 116 -13.96 0.73 7.02
CA LEU A 116 -13.13 0.63 8.21
C LEU A 116 -12.18 -0.56 8.11
N ASN A 117 -12.66 -1.69 7.61
CA ASN A 117 -11.78 -2.85 7.47
C ASN A 117 -10.63 -2.46 6.57
N VAL A 118 -10.96 -1.79 5.47
CA VAL A 118 -9.93 -1.38 4.53
C VAL A 118 -8.90 -0.54 5.26
N GLY A 119 -9.35 0.41 6.08
CA GLY A 119 -8.43 1.25 6.81
C GLY A 119 -7.48 0.44 7.68
N PHE A 120 -7.98 -0.66 8.23
CA PHE A 120 -7.15 -1.51 9.08
C PHE A 120 -6.04 -2.10 8.23
N LYS A 121 -6.40 -2.69 7.09
CA LYS A 121 -5.40 -3.29 6.22
C LYS A 121 -4.43 -2.28 5.60
N GLU A 122 -4.95 -1.15 5.14
CA GLU A 122 -4.09 -0.17 4.54
C GLU A 122 -3.14 0.51 5.53
N ALA A 123 -3.61 0.78 6.75
CA ALA A 123 -2.78 1.43 7.75
C ALA A 123 -1.57 0.59 8.13
N LEU A 124 -1.78 -0.72 8.22
CA LEU A 124 -0.72 -1.63 8.58
C LEU A 124 0.40 -1.62 7.56
N LYS A 125 0.07 -1.23 6.34
CA LYS A 125 1.09 -1.18 5.30
C LYS A 125 2.10 -0.08 5.56
N ASP A 126 1.73 0.90 6.37
CA ASP A 126 2.56 2.05 6.70
C ASP A 126 3.44 1.93 7.94
N TYR A 127 2.88 1.33 8.99
CA TYR A 127 3.58 1.26 10.24
C TYR A 127 2.98 0.12 11.04
N ASP A 128 3.68 -0.31 12.08
CA ASP A 128 3.17 -1.41 12.89
C ASP A 128 2.24 -0.89 13.99
N TYR A 129 1.11 -0.32 13.59
CA TYR A 129 0.13 0.17 14.55
C TYR A 129 -0.32 -1.03 15.36
N ASN A 130 -0.65 -0.81 16.63
CA ASN A 130 -1.11 -1.88 17.50
C ASN A 130 -2.49 -1.57 18.01
N CYS A 131 -2.98 -0.40 17.65
CA CYS A 131 -4.30 0.06 18.09
C CYS A 131 -5.01 0.81 16.96
N PHE A 132 -6.31 0.62 16.87
CA PHE A 132 -7.09 1.26 15.82
C PHE A 132 -8.31 1.98 16.35
N VAL A 133 -8.39 3.27 16.00
CA VAL A 133 -9.52 4.08 16.40
C VAL A 133 -10.33 4.25 15.12
N PHE A 134 -11.62 3.93 15.21
CA PHE A 134 -12.52 4.06 14.08
C PHE A 134 -13.43 5.21 14.42
N SER A 135 -13.34 6.27 13.63
CA SER A 135 -14.11 7.48 13.91
C SER A 135 -14.90 8.08 12.76
N ASP A 136 -16.19 8.28 12.99
CA ASP A 136 -17.00 8.95 11.98
C ASP A 136 -16.30 10.30 11.82
N VAL A 137 -16.43 10.87 10.62
CA VAL A 137 -15.80 12.13 10.28
C VAL A 137 -16.35 13.34 11.04
N ASP A 138 -17.57 13.21 11.54
CA ASP A 138 -18.24 14.33 12.20
C ASP A 138 -18.33 14.36 13.74
N LEU A 139 -17.54 13.54 14.43
CA LEU A 139 -17.58 13.51 15.88
C LEU A 139 -16.27 14.04 16.44
N ILE A 140 -16.37 14.98 17.38
CA ILE A 140 -15.21 15.63 18.01
C ILE A 140 -15.28 15.52 19.52
N PRO A 141 -14.25 14.97 20.19
CA PRO A 141 -14.29 14.86 21.66
C PRO A 141 -14.22 16.24 22.36
N MET A 142 -14.98 16.40 23.43
CA MET A 142 -15.02 17.65 24.19
C MET A 142 -14.06 17.70 25.38
N ASN A 143 -13.35 16.61 25.61
CA ASN A 143 -12.46 16.56 26.77
C ASN A 143 -11.28 15.67 26.39
N ASP A 144 -10.06 16.23 26.42
CA ASP A 144 -8.90 15.45 26.02
C ASP A 144 -8.51 14.31 26.94
N HIS A 145 -9.25 14.12 28.03
CA HIS A 145 -8.96 12.98 28.91
C HIS A 145 -9.60 11.74 28.28
N ASN A 146 -10.47 11.96 27.28
CA ASN A 146 -11.12 10.85 26.58
C ASN A 146 -10.06 10.37 25.60
N THR A 147 -9.11 9.58 26.09
CA THR A 147 -7.99 9.12 25.27
C THR A 147 -8.28 8.25 24.07
N TYR A 148 -7.77 8.67 22.92
CA TYR A 148 -7.95 7.95 21.68
C TYR A 148 -6.94 6.80 21.49
N ARG A 149 -7.06 5.79 22.35
CA ARG A 149 -6.20 4.61 22.30
C ARG A 149 -6.98 3.35 22.67
N CYS A 150 -6.28 2.24 22.79
CA CYS A 150 -6.90 0.98 23.13
C CYS A 150 -6.73 0.60 24.59
N PHE A 151 -7.61 -0.28 25.05
CA PHE A 151 -7.60 -0.71 26.43
C PHE A 151 -7.69 -2.22 26.48
N SER A 152 -7.74 -2.80 27.67
CA SER A 152 -7.81 -4.26 27.80
C SER A 152 -9.06 -4.85 27.16
N GLN A 153 -10.04 -3.98 26.92
CA GLN A 153 -11.30 -4.39 26.32
C GLN A 153 -11.68 -3.42 25.21
N PRO A 154 -12.34 -3.91 24.16
CA PRO A 154 -12.71 -2.98 23.10
C PRO A 154 -13.21 -1.72 23.79
N ARG A 155 -12.84 -0.58 23.25
CA ARG A 155 -13.21 0.68 23.87
C ARG A 155 -14.22 1.48 23.06
N HIS A 156 -15.31 1.88 23.72
CA HIS A 156 -16.29 2.75 23.05
C HIS A 156 -15.93 4.14 23.51
N ILE A 157 -15.59 5.01 22.57
CA ILE A 157 -15.18 6.37 22.87
C ILE A 157 -16.24 7.49 22.92
N SER A 158 -17.15 7.54 21.97
CA SER A 158 -18.12 8.63 22.02
C SER A 158 -19.30 8.20 22.88
N VAL A 159 -19.07 8.17 24.19
CA VAL A 159 -20.11 7.72 25.09
C VAL A 159 -21.22 8.72 25.36
N ALA A 160 -20.93 10.01 25.30
CA ALA A 160 -21.96 11.01 25.59
C ALA A 160 -22.08 12.05 24.49
N MET A 161 -22.70 11.68 23.37
CA MET A 161 -22.84 12.59 22.25
C MET A 161 -23.93 13.63 22.45
N ASP A 162 -23.66 14.89 22.13
CA ASP A 162 -24.71 15.89 22.32
C ASP A 162 -25.96 15.53 21.47
N LYS A 163 -25.72 14.89 20.35
CA LYS A 163 -26.79 14.46 19.44
C LYS A 163 -27.80 13.53 20.13
N PHE A 164 -27.37 12.97 21.25
CA PHE A 164 -28.18 12.08 22.07
C PHE A 164 -28.29 12.68 23.49
N GLY A 165 -28.06 13.98 23.59
CA GLY A 165 -28.17 14.63 24.89
C GLY A 165 -27.30 14.05 25.98
N PHE A 166 -26.08 13.67 25.61
CA PHE A 166 -25.08 13.09 26.53
C PHE A 166 -25.43 11.73 27.13
N SER A 167 -26.43 11.06 26.56
CA SER A 167 -26.83 9.74 27.02
C SER A 167 -26.51 8.71 25.95
N LEU A 168 -26.37 7.46 26.36
CA LEU A 168 -26.14 6.42 25.36
C LEU A 168 -27.55 6.17 24.87
N PRO A 169 -27.75 6.16 23.55
CA PRO A 169 -29.08 5.93 22.99
C PRO A 169 -29.65 4.58 23.44
N TYR A 170 -28.74 3.68 23.79
CA TYR A 170 -29.07 2.36 24.29
C TYR A 170 -27.79 1.69 24.77
N VAL A 171 -27.93 0.91 25.84
CA VAL A 171 -26.81 0.24 26.48
C VAL A 171 -25.76 -0.45 25.60
N GLN A 172 -26.19 -1.12 24.52
CA GLN A 172 -25.25 -1.80 23.61
C GLN A 172 -24.75 -0.90 22.45
N TYR A 173 -25.06 0.39 22.51
CA TYR A 173 -24.63 1.31 21.47
C TYR A 173 -23.12 1.30 21.29
N PHE A 174 -22.65 1.06 20.07
CA PHE A 174 -21.21 1.00 19.82
C PHE A 174 -20.83 1.81 18.60
N GLY A 175 -21.59 2.84 18.28
CA GLY A 175 -21.28 3.62 17.10
C GLY A 175 -20.53 4.90 17.39
N GLY A 176 -20.21 5.63 16.32
CA GLY A 176 -19.53 6.89 16.47
C GLY A 176 -18.03 6.73 16.42
N VAL A 177 -17.44 6.71 17.60
CA VAL A 177 -16.00 6.55 17.74
C VAL A 177 -15.72 5.38 18.69
N SER A 178 -14.87 4.46 18.26
CA SER A 178 -14.52 3.31 19.09
C SER A 178 -13.07 2.96 18.83
N ALA A 179 -12.53 2.03 19.61
CA ALA A 179 -11.13 1.65 19.45
C ALA A 179 -10.90 0.20 19.78
N LEU A 180 -10.19 -0.50 18.89
CA LEU A 180 -9.86 -1.90 19.09
C LEU A 180 -8.38 -2.13 18.86
N SER A 181 -7.75 -2.89 19.76
CA SER A 181 -6.34 -3.19 19.62
C SER A 181 -6.22 -4.12 18.42
N LYS A 182 -5.01 -4.28 17.90
CA LYS A 182 -4.83 -5.15 16.76
C LYS A 182 -5.33 -6.56 17.08
N GLN A 183 -5.07 -7.07 18.28
CA GLN A 183 -5.55 -8.41 18.56
C GLN A 183 -7.06 -8.53 18.73
N GLN A 184 -7.68 -7.57 19.41
CA GLN A 184 -9.12 -7.59 19.60
C GLN A 184 -9.80 -7.55 18.23
N PHE A 185 -9.29 -6.71 17.33
CA PHE A 185 -9.86 -6.58 15.98
C PHE A 185 -9.73 -7.92 15.27
N LEU A 186 -8.54 -8.49 15.30
CA LEU A 186 -8.34 -9.79 14.67
C LEU A 186 -9.21 -10.88 15.29
N SER A 187 -9.42 -10.82 16.60
CA SER A 187 -10.20 -11.85 17.25
C SER A 187 -11.63 -11.96 16.72
N ILE A 188 -12.23 -10.87 16.26
CA ILE A 188 -13.59 -10.96 15.76
C ILE A 188 -13.67 -11.07 14.23
N ASN A 189 -12.52 -11.26 13.57
CA ASN A 189 -12.48 -11.35 12.12
C ASN A 189 -12.81 -9.98 11.56
N GLY A 190 -12.35 -8.93 12.26
CA GLY A 190 -12.62 -7.59 11.80
C GLY A 190 -14.11 -7.27 11.82
N PHE A 191 -14.50 -6.37 10.93
CA PHE A 191 -15.87 -5.96 10.83
C PHE A 191 -16.51 -6.63 9.61
N PRO A 192 -17.85 -6.61 9.52
CA PRO A 192 -18.55 -7.21 8.39
C PRO A 192 -18.44 -6.36 7.14
N ASN A 193 -18.49 -7.01 5.98
CA ASN A 193 -18.40 -6.31 4.70
C ASN A 193 -19.77 -6.29 4.02
N ASN A 194 -20.73 -7.00 4.61
CA ASN A 194 -22.04 -7.12 3.99
C ASN A 194 -23.16 -6.18 4.42
N TYR A 195 -22.81 -5.05 5.04
CA TYR A 195 -23.82 -4.09 5.44
C TYR A 195 -23.73 -2.87 4.53
N TRP A 196 -24.68 -2.74 3.59
CA TRP A 196 -24.72 -1.61 2.66
C TRP A 196 -25.86 -0.68 3.07
N GLY A 197 -25.57 0.61 3.08
CA GLY A 197 -26.59 1.54 3.49
C GLY A 197 -26.47 1.73 4.98
N TRP A 198 -27.27 2.64 5.51
CA TRP A 198 -27.21 2.97 6.92
C TRP A 198 -27.82 2.03 7.94
N GLY A 199 -27.13 1.94 9.07
CA GLY A 199 -27.58 1.17 10.20
C GLY A 199 -27.18 -0.27 10.40
N GLY A 200 -27.03 -0.65 11.67
CA GLY A 200 -26.71 -2.03 12.00
C GLY A 200 -25.27 -2.50 12.03
N GLU A 201 -24.43 -2.03 11.10
CA GLU A 201 -23.04 -2.50 11.05
C GLU A 201 -22.40 -2.39 12.42
N ASP A 202 -22.65 -1.30 13.11
CA ASP A 202 -22.09 -1.15 14.44
C ASP A 202 -22.68 -2.12 15.49
N ASP A 203 -23.95 -2.50 15.36
CA ASP A 203 -24.53 -3.43 16.35
C ASP A 203 -23.97 -4.82 16.07
N ASP A 204 -23.71 -5.11 14.79
CA ASP A 204 -23.15 -6.41 14.39
C ASP A 204 -21.80 -6.54 15.10
N ILE A 205 -20.99 -5.49 14.97
CA ILE A 205 -19.67 -5.44 15.58
C ILE A 205 -19.77 -5.69 17.07
N TYR A 206 -20.70 -5.01 17.72
CA TYR A 206 -20.92 -5.21 19.15
C TYR A 206 -21.29 -6.68 19.39
N ASN A 207 -22.10 -7.25 18.52
CA ASN A 207 -22.45 -8.65 18.76
C ASN A 207 -21.21 -9.52 18.60
N ARG A 208 -20.32 -9.17 17.66
CA ARG A 208 -19.10 -9.94 17.44
C ARG A 208 -18.25 -9.96 18.72
N LEU A 209 -18.09 -8.80 19.34
CA LEU A 209 -17.31 -8.69 20.55
C LEU A 209 -17.82 -9.71 21.57
N ALA A 210 -19.10 -9.60 21.90
CA ALA A 210 -19.73 -10.51 22.86
C ALA A 210 -19.52 -11.97 22.47
N PHE A 211 -19.63 -12.29 21.19
CA PHE A 211 -19.45 -13.67 20.73
C PHE A 211 -18.01 -14.20 20.93
N ARG A 212 -17.03 -13.30 21.03
CA ARG A 212 -15.64 -13.72 21.26
C ARG A 212 -15.32 -13.50 22.73
N GLY A 213 -16.36 -13.43 23.56
CA GLY A 213 -16.17 -13.24 24.98
C GLY A 213 -15.70 -11.92 25.53
N MET A 214 -15.72 -10.84 24.74
CA MET A 214 -15.25 -9.53 25.23
C MET A 214 -16.36 -8.58 25.72
N SER A 215 -15.94 -7.56 26.48
CA SER A 215 -16.82 -6.55 27.04
C SER A 215 -16.44 -5.22 26.40
N VAL A 216 -17.14 -4.17 26.80
CA VAL A 216 -16.88 -2.86 26.26
C VAL A 216 -16.43 -1.93 27.35
N SER A 217 -15.31 -1.26 27.12
CA SER A 217 -14.78 -0.31 28.08
C SER A 217 -15.21 1.10 27.69
N ARG A 218 -15.53 1.92 28.68
CA ARG A 218 -15.97 3.28 28.41
C ARG A 218 -15.51 4.31 29.41
N PRO A 219 -15.23 5.54 28.92
CA PRO A 219 -14.79 6.63 29.81
C PRO A 219 -16.10 7.05 30.48
N ASN A 220 -16.07 7.82 31.58
CA ASN A 220 -17.37 8.17 32.15
C ASN A 220 -18.12 9.14 31.23
N ALA A 221 -19.36 9.42 31.59
CA ALA A 221 -20.19 10.29 30.78
C ALA A 221 -19.73 11.73 30.73
N VAL A 222 -18.91 12.16 31.70
CA VAL A 222 -18.47 13.56 31.63
C VAL A 222 -17.26 13.71 30.71
N ILE A 223 -16.23 12.89 30.91
CA ILE A 223 -15.07 12.99 30.04
C ILE A 223 -15.39 12.47 28.64
N GLY A 224 -16.38 11.59 28.52
CA GLY A 224 -16.76 11.08 27.22
C GLY A 224 -17.69 11.96 26.39
N LYS A 225 -17.91 13.20 26.79
CA LYS A 225 -18.82 14.08 26.05
C LYS A 225 -18.24 14.35 24.67
N THR A 226 -19.08 14.34 23.64
CA THR A 226 -18.57 14.61 22.31
C THR A 226 -19.65 15.30 21.48
N ARG A 227 -19.21 16.08 20.50
CA ARG A 227 -20.09 16.81 19.62
C ARG A 227 -20.15 16.18 18.26
N HIS A 228 -21.35 16.18 17.70
CA HIS A 228 -21.63 15.63 16.39
C HIS A 228 -21.97 16.83 15.50
N ILE A 229 -21.38 16.89 14.31
CA ILE A 229 -21.69 17.99 13.42
C ILE A 229 -23.09 17.79 12.82
N ARG A 230 -24.06 18.62 13.18
CA ARG A 230 -25.41 18.46 12.64
C ARG A 230 -25.39 18.47 11.12
N HIS A 231 -25.94 17.42 10.51
CA HIS A 231 -25.95 17.34 9.06
C HIS A 231 -27.19 16.61 8.59
N SER A 232 -27.45 16.67 7.30
CA SER A 232 -28.61 16.00 6.74
C SER A 232 -28.16 14.67 6.13
N ARG A 233 -29.13 13.87 5.71
CA ARG A 233 -28.90 12.55 5.14
C ARG A 233 -28.05 12.63 3.86
N ASP A 234 -27.31 11.58 3.57
CA ASP A 234 -26.50 11.56 2.35
C ASP A 234 -27.22 10.60 1.41
N LYS A 235 -27.34 10.99 0.14
CA LYS A 235 -27.97 10.14 -0.86
C LYS A 235 -27.05 8.92 -0.94
N LYS A 236 -27.61 7.78 -1.27
CA LYS A 236 -26.83 6.56 -1.37
C LYS A 236 -26.39 5.93 -0.04
N ASN A 237 -26.97 6.39 1.08
CA ASN A 237 -26.72 5.80 2.39
C ASN A 237 -28.06 5.78 3.12
N GLU A 238 -29.11 5.35 2.41
CA GLU A 238 -30.45 5.26 2.97
C GLU A 238 -30.42 4.08 3.93
N PRO A 239 -31.39 4.01 4.88
CA PRO A 239 -31.40 2.88 5.81
C PRO A 239 -31.48 1.53 5.11
N ASN A 240 -30.72 0.59 5.64
CA ASN A 240 -30.66 -0.76 5.11
C ASN A 240 -31.75 -1.60 5.75
N PRO A 241 -32.80 -1.95 4.97
CA PRO A 241 -33.92 -2.75 5.45
C PRO A 241 -33.59 -4.14 5.98
N GLN A 242 -32.60 -4.80 5.39
CA GLN A 242 -32.22 -6.13 5.89
C GLN A 242 -31.27 -6.04 7.10
N ARG A 243 -31.09 -4.84 7.65
CA ARG A 243 -30.17 -4.66 8.77
C ARG A 243 -30.59 -5.38 10.03
N PHE A 244 -31.89 -5.41 10.29
CA PHE A 244 -32.42 -6.05 11.48
C PHE A 244 -32.18 -7.55 11.39
N ASP A 245 -32.36 -8.08 10.20
CA ASP A 245 -32.16 -9.48 9.95
C ASP A 245 -30.68 -9.88 10.00
N ARG A 246 -29.79 -8.95 9.64
CA ARG A 246 -28.37 -9.29 9.66
C ARG A 246 -27.82 -9.33 11.08
N ILE A 247 -28.21 -8.36 11.91
CA ILE A 247 -27.71 -8.32 13.28
C ILE A 247 -28.25 -9.46 14.15
N ALA A 248 -29.31 -10.10 13.70
CA ALA A 248 -29.87 -11.21 14.46
C ALA A 248 -29.14 -12.49 14.06
N HIS A 249 -28.31 -12.43 13.02
CA HIS A 249 -27.57 -13.61 12.57
C HIS A 249 -26.04 -13.49 12.58
N THR A 250 -25.53 -12.52 13.32
CA THR A 250 -24.10 -12.27 13.41
C THR A 250 -23.31 -13.51 13.81
N LYS A 251 -23.89 -14.31 14.70
CA LYS A 251 -23.23 -15.51 15.16
C LYS A 251 -22.87 -16.42 14.01
N GLU A 252 -23.79 -16.55 13.06
CA GLU A 252 -23.61 -17.43 11.92
C GLU A 252 -22.78 -16.85 10.76
N THR A 253 -22.68 -15.53 10.68
CA THR A 253 -21.94 -14.91 9.60
C THR A 253 -20.55 -14.33 9.90
N MET A 254 -20.21 -14.17 11.18
CA MET A 254 -18.91 -13.56 11.46
C MET A 254 -17.67 -14.39 11.12
N LEU A 255 -17.77 -15.71 11.04
CA LEU A 255 -16.59 -16.50 10.69
C LEU A 255 -16.23 -16.26 9.23
N SER A 256 -17.25 -16.13 8.38
CA SER A 256 -17.02 -15.93 6.96
C SER A 256 -17.11 -14.52 6.38
N ASP A 257 -17.74 -13.59 7.07
CA ASP A 257 -17.84 -12.22 6.58
C ASP A 257 -16.97 -11.29 7.38
N GLY A 258 -15.90 -10.81 6.77
CA GLY A 258 -15.02 -9.92 7.48
C GLY A 258 -13.65 -9.79 6.85
N LEU A 259 -12.65 -9.70 7.71
CA LEU A 259 -11.29 -9.57 7.24
C LEU A 259 -10.85 -10.70 6.31
N ASN A 260 -11.36 -11.91 6.52
CA ASN A 260 -10.93 -13.00 5.69
C ASN A 260 -11.67 -13.10 4.37
N SER A 261 -12.67 -12.26 4.18
CA SER A 261 -13.40 -12.26 2.94
C SER A 261 -13.35 -10.88 2.30
N LEU A 262 -12.54 -10.01 2.89
CA LEU A 262 -12.40 -8.66 2.43
C LEU A 262 -11.76 -8.48 1.05
N THR A 263 -12.47 -7.86 0.11
CA THR A 263 -11.89 -7.60 -1.20
C THR A 263 -12.21 -6.20 -1.64
N TYR A 264 -11.20 -5.51 -2.11
CA TYR A 264 -11.37 -4.14 -2.54
C TYR A 264 -10.23 -3.79 -3.47
N MET A 265 -10.28 -2.58 -4.02
CA MET A 265 -9.24 -2.14 -4.93
C MET A 265 -8.86 -0.71 -4.61
N VAL A 266 -7.62 -0.51 -4.18
CA VAL A 266 -7.12 0.84 -3.91
C VAL A 266 -6.97 1.50 -5.27
N LEU A 267 -7.59 2.65 -5.45
CA LEU A 267 -7.47 3.35 -6.72
C LEU A 267 -6.37 4.37 -6.62
N GLU A 268 -6.12 4.83 -5.40
CA GLU A 268 -5.12 5.84 -5.21
C GLU A 268 -4.79 6.12 -3.76
N VAL A 269 -3.54 6.48 -3.52
CA VAL A 269 -3.11 6.84 -2.18
C VAL A 269 -2.47 8.22 -2.30
N GLN A 270 -3.08 9.21 -1.65
CA GLN A 270 -2.57 10.59 -1.67
C GLN A 270 -2.19 11.04 -0.28
N ARG A 271 -0.95 11.51 -0.11
CA ARG A 271 -0.50 12.03 1.19
C ARG A 271 -0.74 13.53 1.26
N TYR A 272 -1.54 13.98 2.22
CA TYR A 272 -1.78 15.40 2.43
C TYR A 272 -1.05 15.70 3.73
N PRO A 273 -0.67 16.97 3.98
CA PRO A 273 0.03 17.18 5.24
C PRO A 273 -0.69 16.68 6.50
N LEU A 274 -1.98 16.96 6.63
CA LEU A 274 -2.70 16.51 7.82
C LEU A 274 -3.30 15.07 7.79
N TYR A 275 -3.31 14.42 6.63
CA TYR A 275 -3.86 13.04 6.55
C TYR A 275 -3.56 12.27 5.27
N THR A 276 -3.54 10.95 5.38
CA THR A 276 -3.36 10.12 4.19
C THR A 276 -4.79 9.81 3.69
N LYS A 277 -5.05 10.06 2.42
CA LYS A 277 -6.36 9.79 1.85
C LYS A 277 -6.23 8.61 0.88
N ILE A 278 -6.94 7.53 1.19
CA ILE A 278 -6.91 6.35 0.36
C ILE A 278 -8.24 6.18 -0.35
N THR A 279 -8.24 6.37 -1.66
CA THR A 279 -9.48 6.22 -2.42
C THR A 279 -9.61 4.76 -2.88
N VAL A 280 -10.72 4.13 -2.55
CA VAL A 280 -10.90 2.72 -2.87
C VAL A 280 -12.23 2.29 -3.48
N ASP A 281 -12.16 1.25 -4.30
CA ASP A 281 -13.34 0.66 -4.94
C ASP A 281 -13.63 -0.58 -4.10
N ILE A 282 -14.70 -0.50 -3.32
CA ILE A 282 -15.10 -1.59 -2.44
C ILE A 282 -16.27 -2.41 -2.93
N GLY A 283 -16.54 -2.31 -4.23
CA GLY A 283 -17.61 -3.08 -4.83
C GLY A 283 -19.00 -2.55 -4.61
N THR A 284 -19.97 -3.36 -4.99
CA THR A 284 -21.38 -3.01 -4.88
C THR A 284 -22.08 -4.13 -4.15
N PRO A 285 -23.28 -3.86 -3.60
CA PRO A 285 -24.05 -4.88 -2.88
C PRO A 285 -24.68 -5.83 -3.88
N SER A 286 -25.25 -6.93 -3.41
CA SER A 286 -25.90 -7.91 -4.29
C SER A 286 -26.33 -9.18 -3.57
N LEU B 15 -9.54 -25.71 -12.10
CA LEU B 15 -8.59 -25.59 -13.24
C LEU B 15 -7.38 -26.48 -13.04
N THR B 16 -6.71 -26.81 -14.13
CA THR B 16 -5.49 -27.61 -14.08
C THR B 16 -4.29 -26.66 -14.26
N ALA B 17 -3.11 -27.14 -13.88
CA ALA B 17 -1.89 -26.34 -14.00
C ALA B 17 -1.69 -25.95 -15.45
N CYS B 18 -1.16 -24.75 -15.69
CA CYS B 18 -0.92 -24.32 -17.07
C CYS B 18 0.15 -25.26 -17.66
N PRO B 19 0.06 -25.56 -18.97
CA PRO B 19 1.06 -26.45 -19.60
C PRO B 19 2.45 -25.88 -19.47
N GLU B 20 3.47 -26.70 -19.71
CA GLU B 20 4.86 -26.24 -19.64
C GLU B 20 5.20 -25.27 -20.76
N GLU B 21 4.49 -25.40 -21.86
CA GLU B 21 4.70 -24.52 -22.99
C GLU B 21 3.36 -23.95 -23.42
N SER B 22 3.15 -22.68 -23.11
CA SER B 22 1.92 -22.00 -23.47
C SER B 22 1.62 -22.23 -24.96
N PRO B 23 0.39 -22.61 -25.29
CA PRO B 23 0.06 -22.85 -26.71
C PRO B 23 -0.15 -21.54 -27.46
N LEU B 24 -0.05 -20.40 -26.77
CA LEU B 24 -0.24 -19.10 -27.41
C LEU B 24 1.07 -18.51 -28.02
N LEU B 25 2.20 -19.01 -27.55
CA LEU B 25 3.52 -18.58 -28.00
C LEU B 25 3.65 -18.53 -29.54
N VAL B 26 4.32 -17.51 -30.07
CA VAL B 26 4.52 -17.39 -31.51
C VAL B 26 6.03 -17.37 -31.85
N GLY B 27 6.87 -17.20 -30.83
CA GLY B 27 8.30 -17.18 -31.09
C GLY B 27 8.86 -15.79 -31.34
N PRO B 28 9.69 -15.63 -32.40
CA PRO B 28 10.32 -14.36 -32.76
C PRO B 28 9.34 -13.24 -33.15
N MET B 29 9.64 -12.04 -32.68
CA MET B 29 8.80 -10.87 -32.92
C MET B 29 9.61 -9.70 -33.43
N LEU B 30 8.98 -8.86 -34.23
CA LEU B 30 9.64 -7.67 -34.75
C LEU B 30 9.42 -6.61 -33.69
N ILE B 31 10.49 -5.96 -33.26
CA ILE B 31 10.38 -4.92 -32.25
C ILE B 31 10.87 -3.62 -32.86
N GLU B 32 9.97 -2.66 -33.05
CA GLU B 32 10.33 -1.40 -33.68
C GLU B 32 9.83 -0.22 -32.87
N PHE B 33 10.53 0.90 -32.96
CA PHE B 33 10.12 2.07 -32.20
C PHE B 33 9.78 3.25 -33.07
N ASN B 34 8.90 3.02 -34.04
CA ASN B 34 8.48 4.07 -34.96
C ASN B 34 6.97 4.13 -34.85
N ILE B 35 6.50 3.88 -33.62
CA ILE B 35 5.08 3.86 -33.31
C ILE B 35 4.66 4.91 -32.30
N PRO B 36 3.59 5.66 -32.59
CA PRO B 36 3.18 6.68 -31.61
C PRO B 36 2.27 5.94 -30.63
N VAL B 37 2.85 5.43 -29.55
CA VAL B 37 2.07 4.67 -28.57
C VAL B 37 0.97 5.49 -27.94
N ASP B 38 -0.14 4.82 -27.71
CA ASP B 38 -1.31 5.44 -27.12
C ASP B 38 -1.87 4.42 -26.14
N LEU B 39 -1.63 4.66 -24.86
CA LEU B 39 -2.05 3.75 -23.81
C LEU B 39 -3.52 3.39 -23.78
N LYS B 40 -4.40 4.35 -24.03
CA LYS B 40 -5.83 4.05 -24.02
C LYS B 40 -6.06 2.97 -25.05
N LEU B 41 -5.37 3.11 -26.18
CA LEU B 41 -5.43 2.17 -27.29
C LEU B 41 -4.86 0.81 -26.87
N VAL B 42 -3.70 0.85 -26.21
CA VAL B 42 -3.08 -0.37 -25.71
C VAL B 42 -4.04 -1.01 -24.71
N GLU B 43 -4.60 -0.20 -23.82
CA GLU B 43 -5.54 -0.69 -22.82
C GLU B 43 -6.68 -1.40 -23.54
N GLN B 44 -7.21 -0.73 -24.55
CA GLN B 44 -8.31 -1.26 -25.30
C GLN B 44 -7.97 -2.61 -25.94
N GLN B 45 -6.78 -2.71 -26.51
CA GLN B 45 -6.36 -3.95 -27.14
C GLN B 45 -6.06 -5.09 -26.15
N ASN B 46 -5.97 -4.78 -24.86
CA ASN B 46 -5.68 -5.81 -23.84
C ASN B 46 -6.74 -5.78 -22.76
N PRO B 47 -8.00 -6.02 -23.14
CA PRO B 47 -9.17 -6.03 -22.24
C PRO B 47 -9.01 -6.91 -21.02
N LYS B 48 -8.35 -8.04 -21.17
CA LYS B 48 -8.17 -8.95 -20.05
C LYS B 48 -7.30 -8.37 -18.95
N VAL B 49 -6.47 -7.38 -19.28
CA VAL B 49 -5.61 -6.79 -18.27
C VAL B 49 -6.41 -5.88 -17.33
N LYS B 50 -6.48 -6.26 -16.05
CA LYS B 50 -7.21 -5.51 -15.03
C LYS B 50 -6.40 -4.32 -14.52
N LEU B 51 -7.09 -3.44 -13.81
CA LEU B 51 -6.51 -2.23 -13.26
C LEU B 51 -5.21 -2.55 -12.50
N GLY B 52 -4.26 -1.61 -12.52
CA GLY B 52 -2.98 -1.83 -11.88
C GLY B 52 -2.11 -2.72 -12.75
N GLY B 53 -2.60 -3.06 -13.94
CA GLY B 53 -1.85 -3.91 -14.85
C GLY B 53 -1.75 -5.35 -14.38
N ARG B 54 -2.83 -5.86 -13.77
CA ARG B 54 -2.87 -7.24 -13.27
C ARG B 54 -3.49 -8.15 -14.31
N TYR B 55 -3.02 -9.39 -14.35
CA TYR B 55 -3.55 -10.37 -15.29
C TYR B 55 -3.36 -11.76 -14.70
N THR B 56 -4.39 -12.58 -14.86
CA THR B 56 -4.36 -13.96 -14.39
C THR B 56 -4.96 -14.80 -15.50
N PRO B 57 -4.33 -15.94 -15.80
CA PRO B 57 -4.87 -16.79 -16.86
C PRO B 57 -6.30 -17.18 -16.50
N MET B 58 -7.18 -17.18 -17.48
CA MET B 58 -8.56 -17.54 -17.23
C MET B 58 -8.80 -19.05 -17.41
N ASP B 59 -8.06 -19.68 -18.31
CA ASP B 59 -8.21 -21.10 -18.60
C ASP B 59 -7.40 -22.07 -17.74
N CYS B 60 -6.27 -21.62 -17.21
CA CYS B 60 -5.44 -22.51 -16.42
C CYS B 60 -4.88 -21.85 -15.16
N ILE B 61 -4.17 -22.64 -14.35
CA ILE B 61 -3.56 -22.14 -13.11
C ILE B 61 -2.06 -22.03 -13.25
N SER B 62 -1.56 -20.80 -13.24
CA SER B 62 -0.13 -20.57 -13.33
C SER B 62 0.49 -20.60 -11.94
N PRO B 63 1.61 -21.34 -11.79
CA PRO B 63 2.30 -21.49 -10.51
C PRO B 63 3.16 -20.25 -10.31
N HIS B 64 3.32 -19.49 -11.39
CA HIS B 64 4.12 -18.28 -11.42
C HIS B 64 3.32 -17.02 -11.07
N LYS B 65 3.47 -16.51 -9.85
CA LYS B 65 2.79 -15.28 -9.44
C LYS B 65 3.89 -14.25 -9.43
N VAL B 66 3.94 -13.50 -10.53
CA VAL B 66 4.97 -12.51 -10.81
C VAL B 66 4.75 -11.00 -10.69
N ALA B 67 5.57 -10.35 -9.89
CA ALA B 67 5.51 -8.90 -9.79
C ALA B 67 6.65 -8.41 -10.67
N ILE B 68 6.34 -7.65 -11.72
CA ILE B 68 7.38 -7.12 -12.60
C ILE B 68 7.64 -5.72 -12.14
N ILE B 69 8.88 -5.49 -11.74
CA ILE B 69 9.27 -4.21 -11.16
C ILE B 69 10.17 -3.43 -12.07
N ILE B 70 9.81 -2.18 -12.27
CA ILE B 70 10.53 -1.28 -13.16
C ILE B 70 11.05 -0.03 -12.47
N PRO B 71 12.39 0.09 -12.34
CA PRO B 71 12.99 1.27 -11.70
C PRO B 71 12.65 2.45 -12.61
N PHE B 72 12.21 3.56 -12.06
CA PHE B 72 11.76 4.63 -12.93
C PHE B 72 11.89 6.08 -12.50
N ARG B 73 12.10 6.91 -13.51
CA ARG B 73 12.12 8.36 -13.34
C ARG B 73 12.29 9.02 -14.69
N ASN B 74 11.34 9.88 -15.02
CA ASN B 74 11.32 10.61 -16.27
C ASN B 74 11.57 9.72 -17.49
N ARG B 75 10.87 8.59 -17.57
CA ARG B 75 11.03 7.69 -18.72
C ARG B 75 9.64 7.29 -19.24
N GLN B 76 8.72 8.25 -19.28
CA GLN B 76 7.38 7.93 -19.73
C GLN B 76 7.36 7.38 -21.14
N GLU B 77 8.18 7.94 -22.05
CA GLU B 77 8.18 7.44 -23.42
C GLU B 77 8.61 6.00 -23.53
N HIS B 78 9.65 5.58 -22.81
CA HIS B 78 10.04 4.18 -22.90
C HIS B 78 8.96 3.32 -22.30
N LEU B 79 8.42 3.76 -21.16
CA LEU B 79 7.38 3.02 -20.48
C LEU B 79 6.25 2.70 -21.42
N LYS B 80 5.89 3.64 -22.28
CA LYS B 80 4.80 3.45 -23.22
C LYS B 80 5.09 2.25 -24.13
N TYR B 81 6.29 2.21 -24.69
CA TYR B 81 6.66 1.08 -25.55
C TYR B 81 6.73 -0.22 -24.75
N TRP B 82 7.25 -0.12 -23.53
CA TRP B 82 7.37 -1.29 -22.68
C TRP B 82 6.00 -1.91 -22.50
N LEU B 83 5.02 -1.08 -22.16
CA LEU B 83 3.64 -1.55 -21.95
C LEU B 83 3.03 -2.03 -23.25
N TYR B 84 3.21 -1.26 -24.32
CA TYR B 84 2.68 -1.64 -25.63
C TYR B 84 3.19 -3.06 -25.99
N TYR B 85 4.49 -3.29 -25.84
CA TYR B 85 5.05 -4.60 -26.16
C TYR B 85 4.90 -5.75 -25.15
N LEU B 86 5.13 -5.49 -23.86
CA LEU B 86 5.05 -6.55 -22.85
C LEU B 86 3.68 -7.13 -22.45
N HIS B 87 2.64 -6.31 -22.32
CA HIS B 87 1.37 -6.90 -21.91
C HIS B 87 0.94 -8.04 -22.82
N PRO B 88 0.99 -7.84 -24.14
CA PRO B 88 0.58 -8.95 -25.01
C PRO B 88 1.48 -10.18 -24.77
N ILE B 89 2.79 -9.95 -24.66
CA ILE B 89 3.76 -11.03 -24.44
C ILE B 89 3.53 -11.76 -23.13
N LEU B 90 3.47 -10.99 -22.05
CA LEU B 90 3.26 -11.58 -20.74
C LEU B 90 2.03 -12.48 -20.76
N GLN B 91 0.92 -11.97 -21.30
CA GLN B 91 -0.30 -12.76 -21.37
C GLN B 91 -0.11 -14.07 -22.15
N ARG B 92 0.56 -14.00 -23.29
CA ARG B 92 0.77 -15.23 -24.06
C ARG B 92 1.59 -16.20 -23.22
N GLN B 93 2.42 -15.66 -22.33
CA GLN B 93 3.25 -16.50 -21.48
C GLN B 93 2.44 -17.12 -20.36
N GLN B 94 1.15 -16.83 -20.33
CA GLN B 94 0.25 -17.40 -19.32
C GLN B 94 0.76 -17.21 -17.92
N LEU B 95 1.07 -15.98 -17.54
CA LEU B 95 1.58 -15.73 -16.19
C LEU B 95 0.56 -14.97 -15.34
N ASP B 96 0.65 -15.15 -14.02
CA ASP B 96 -0.24 -14.46 -13.09
C ASP B 96 0.67 -13.31 -12.65
N TYR B 97 0.53 -12.15 -13.30
CA TYR B 97 1.40 -11.02 -13.03
C TYR B 97 0.78 -9.66 -12.72
N GLY B 98 1.62 -8.76 -12.26
CA GLY B 98 1.26 -7.40 -11.93
C GLY B 98 2.46 -6.55 -12.31
N ILE B 99 2.22 -5.34 -12.81
CA ILE B 99 3.31 -4.47 -13.23
C ILE B 99 3.50 -3.33 -12.24
N TYR B 100 4.73 -3.11 -11.79
CA TYR B 100 4.98 -2.03 -10.85
C TYR B 100 6.07 -1.09 -11.32
N VAL B 101 5.73 0.20 -11.41
CA VAL B 101 6.70 1.19 -11.81
C VAL B 101 7.12 1.94 -10.55
N ILE B 102 8.39 1.82 -10.19
CA ILE B 102 8.87 2.48 -8.98
C ILE B 102 9.53 3.80 -9.29
N ASN B 103 8.76 4.86 -9.09
CA ASN B 103 9.15 6.21 -9.38
C ASN B 103 9.89 6.94 -8.26
N GLN B 104 11.13 7.33 -8.52
CA GLN B 104 11.93 8.03 -7.53
C GLN B 104 11.53 9.50 -7.54
N ALA B 105 11.07 9.99 -6.40
CA ALA B 105 10.64 11.38 -6.27
C ALA B 105 11.92 12.22 -6.15
N GLY B 106 11.78 13.53 -6.30
CA GLY B 106 12.93 14.40 -6.19
C GLY B 106 13.84 14.30 -7.40
N GLU B 107 14.89 15.10 -7.39
CA GLU B 107 15.84 15.14 -8.48
C GLU B 107 17.29 14.90 -8.03
N SER B 108 17.48 14.11 -6.97
CA SER B 108 18.83 13.79 -6.50
C SER B 108 19.31 12.51 -7.22
N MET B 109 20.52 12.05 -6.93
CA MET B 109 21.08 10.89 -7.61
C MET B 109 20.18 9.68 -7.74
N PHE B 110 20.15 9.11 -8.94
CA PHE B 110 19.33 7.94 -9.19
C PHE B 110 19.88 6.69 -8.50
N ASN B 111 18.99 5.86 -7.97
CA ASN B 111 19.40 4.62 -7.30
C ASN B 111 18.61 3.40 -7.80
N ARG B 112 19.06 2.82 -8.91
CA ARG B 112 18.39 1.66 -9.51
C ARG B 112 18.09 0.51 -8.56
N ALA B 113 19.10 0.02 -7.85
CA ALA B 113 18.89 -1.12 -6.95
C ALA B 113 17.96 -0.83 -5.78
N LYS B 114 18.06 0.34 -5.17
CA LYS B 114 17.17 0.64 -4.05
C LYS B 114 15.69 0.67 -4.49
N LEU B 115 15.43 1.22 -5.66
CA LEU B 115 14.09 1.30 -6.20
C LEU B 115 13.55 -0.11 -6.38
N LEU B 116 14.41 -1.03 -6.86
CA LEU B 116 13.96 -2.40 -7.06
C LEU B 116 13.58 -3.08 -5.73
N ASN B 117 14.30 -2.76 -4.66
CA ASN B 117 13.99 -3.34 -3.34
C ASN B 117 12.60 -2.83 -2.96
N VAL B 118 12.39 -1.52 -3.07
CA VAL B 118 11.10 -0.93 -2.77
C VAL B 118 10.02 -1.71 -3.55
N GLY B 119 10.27 -1.93 -4.84
CA GLY B 119 9.32 -2.66 -5.63
C GLY B 119 8.96 -4.00 -5.04
N PHE B 120 9.97 -4.71 -4.55
CA PHE B 120 9.77 -6.02 -3.93
C PHE B 120 8.89 -5.93 -2.70
N LYS B 121 9.21 -5.01 -1.81
CA LYS B 121 8.40 -4.87 -0.59
C LYS B 121 6.98 -4.39 -0.87
N GLU B 122 6.86 -3.43 -1.78
CA GLU B 122 5.55 -2.88 -2.07
C GLU B 122 4.64 -3.83 -2.81
N ALA B 123 5.19 -4.65 -3.68
CA ALA B 123 4.36 -5.58 -4.43
C ALA B 123 3.80 -6.63 -3.49
N LEU B 124 4.57 -6.99 -2.47
CA LEU B 124 4.14 -8.02 -1.52
C LEU B 124 2.97 -7.61 -0.65
N LYS B 125 2.79 -6.30 -0.50
CA LYS B 125 1.68 -5.77 0.28
C LYS B 125 0.40 -5.82 -0.55
N ASP B 126 0.55 -6.18 -1.83
CA ASP B 126 -0.53 -6.25 -2.80
C ASP B 126 -1.14 -7.63 -3.04
N TYR B 127 -0.28 -8.62 -3.18
CA TYR B 127 -0.74 -9.95 -3.52
C TYR B 127 0.37 -10.90 -3.12
N ASP B 128 0.07 -12.19 -3.06
CA ASP B 128 1.05 -13.18 -2.64
C ASP B 128 2.02 -13.62 -3.74
N TYR B 129 2.73 -12.65 -4.31
CA TYR B 129 3.70 -12.95 -5.34
C TYR B 129 4.77 -13.85 -4.76
N ASN B 130 5.32 -14.74 -5.58
CA ASN B 130 6.40 -15.62 -5.13
C ASN B 130 7.60 -15.45 -6.07
N CYS B 131 7.40 -14.64 -7.11
CA CYS B 131 8.43 -14.39 -8.13
C CYS B 131 8.52 -12.92 -8.46
N PHE B 132 9.75 -12.44 -8.63
CA PHE B 132 9.97 -11.04 -8.94
C PHE B 132 10.89 -10.83 -10.13
N VAL B 133 10.37 -10.08 -11.11
CA VAL B 133 11.12 -9.75 -12.31
C VAL B 133 11.51 -8.26 -12.27
N PHE B 134 12.81 -8.00 -12.31
CA PHE B 134 13.34 -6.65 -12.30
C PHE B 134 13.75 -6.31 -13.71
N SER B 135 13.08 -5.32 -14.28
CA SER B 135 13.30 -4.90 -15.66
C SER B 135 13.50 -3.42 -15.86
N ASP B 136 14.53 -3.06 -16.61
CA ASP B 136 14.74 -1.66 -16.95
C ASP B 136 13.59 -1.31 -17.87
N VAL B 137 13.26 -0.03 -17.88
CA VAL B 137 12.15 0.49 -18.66
C VAL B 137 12.37 0.46 -20.16
N ASP B 138 13.60 0.26 -20.59
CA ASP B 138 13.93 0.33 -22.01
C ASP B 138 14.33 -0.93 -22.72
N LEU B 139 13.90 -2.08 -22.21
CA LEU B 139 14.23 -3.36 -22.82
C LEU B 139 12.98 -4.14 -23.19
N ILE B 140 12.97 -4.68 -24.41
CA ILE B 140 11.86 -5.48 -24.90
C ILE B 140 12.37 -6.83 -25.42
N PRO B 141 11.78 -7.93 -24.95
CA PRO B 141 12.25 -9.23 -25.44
C PRO B 141 11.76 -9.53 -26.85
N MET B 142 12.62 -10.09 -27.69
CA MET B 142 12.29 -10.39 -29.10
C MET B 142 11.65 -11.76 -29.40
N ASN B 143 11.54 -12.61 -28.38
CA ASN B 143 10.96 -13.93 -28.52
C ASN B 143 10.17 -14.24 -27.26
N ASP B 144 8.88 -14.48 -27.42
CA ASP B 144 8.06 -14.75 -26.26
C ASP B 144 8.44 -16.01 -25.48
N HIS B 145 9.41 -16.77 -25.97
CA HIS B 145 9.84 -17.98 -25.25
C HIS B 145 10.77 -17.57 -24.11
N ASN B 146 11.17 -16.31 -24.06
CA ASN B 146 12.04 -15.83 -23.00
C ASN B 146 11.12 -15.43 -21.84
N THR B 147 10.57 -16.44 -21.16
CA THR B 147 9.63 -16.27 -20.08
C THR B 147 10.03 -15.38 -18.91
N TYR B 148 9.17 -14.42 -18.63
CA TYR B 148 9.40 -13.50 -17.56
C TYR B 148 8.87 -14.10 -16.29
N ARG B 149 9.61 -15.10 -15.80
CA ARG B 149 9.25 -15.82 -14.58
C ARG B 149 10.51 -16.31 -13.86
N CYS B 150 10.31 -16.98 -12.74
CA CYS B 150 11.42 -17.48 -11.91
C CYS B 150 11.74 -18.94 -12.14
N PHE B 151 13.00 -19.31 -11.88
CA PHE B 151 13.47 -20.67 -12.04
C PHE B 151 14.13 -21.21 -10.76
N SER B 152 14.64 -22.44 -10.85
CA SER B 152 15.27 -23.07 -9.69
C SER B 152 16.50 -22.32 -9.22
N GLN B 153 17.00 -21.40 -10.05
CA GLN B 153 18.15 -20.58 -9.70
C GLN B 153 17.87 -19.16 -10.17
N PRO B 154 18.61 -18.16 -9.62
CA PRO B 154 18.44 -16.76 -10.03
C PRO B 154 18.45 -16.75 -11.54
N ARG B 155 17.54 -15.99 -12.13
CA ARG B 155 17.44 -15.97 -13.59
C ARG B 155 17.83 -14.67 -14.26
N HIS B 156 18.71 -14.77 -15.26
CA HIS B 156 19.10 -13.58 -16.01
C HIS B 156 18.36 -13.67 -17.34
N ILE B 157 17.66 -12.61 -17.70
CA ILE B 157 16.81 -12.63 -18.88
C ILE B 157 17.24 -11.93 -20.16
N SER B 158 17.72 -10.70 -20.04
CA SER B 158 18.14 -9.95 -21.23
C SER B 158 19.57 -10.38 -21.56
N VAL B 159 19.70 -11.64 -21.93
CA VAL B 159 20.99 -12.23 -22.22
C VAL B 159 21.64 -11.89 -23.54
N ALA B 160 20.85 -11.54 -24.54
CA ALA B 160 21.36 -11.22 -25.87
C ALA B 160 20.75 -9.93 -26.38
N MET B 161 21.25 -8.80 -25.88
CA MET B 161 20.74 -7.50 -26.28
C MET B 161 21.36 -6.98 -27.56
N ASP B 162 20.56 -6.32 -28.40
CA ASP B 162 21.09 -5.79 -29.66
C ASP B 162 22.27 -4.91 -29.34
N LYS B 163 22.14 -4.15 -28.25
CA LYS B 163 23.16 -3.22 -27.77
C LYS B 163 24.51 -3.88 -27.49
N PHE B 164 24.49 -5.16 -27.15
CA PHE B 164 25.74 -5.88 -26.90
C PHE B 164 25.99 -6.88 -28.04
N GLY B 165 25.45 -6.57 -29.21
CA GLY B 165 25.63 -7.46 -30.35
C GLY B 165 24.99 -8.81 -30.13
N PHE B 166 23.76 -8.81 -29.61
CA PHE B 166 23.04 -10.05 -29.33
C PHE B 166 23.89 -11.08 -28.64
N SER B 167 24.53 -10.63 -27.57
CA SER B 167 25.41 -11.46 -26.80
C SER B 167 25.47 -10.83 -25.40
N LEU B 168 26.23 -11.45 -24.52
CA LEU B 168 26.44 -10.94 -23.17
C LEU B 168 27.74 -10.13 -23.24
N PRO B 169 27.81 -9.00 -22.53
CA PRO B 169 29.06 -8.23 -22.58
C PRO B 169 30.15 -8.95 -21.79
N TYR B 170 29.74 -9.62 -20.72
CA TYR B 170 30.63 -10.40 -19.89
C TYR B 170 29.76 -11.43 -19.22
N VAL B 171 30.36 -12.56 -18.86
CA VAL B 171 29.60 -13.66 -18.28
C VAL B 171 28.89 -13.36 -16.97
N GLN B 172 29.42 -12.43 -16.17
CA GLN B 172 28.81 -12.10 -14.89
C GLN B 172 27.75 -11.01 -15.02
N TYR B 173 27.45 -10.63 -16.25
CA TYR B 173 26.47 -9.58 -16.47
C TYR B 173 25.05 -9.98 -15.99
N PHE B 174 24.53 -9.21 -15.05
CA PHE B 174 23.21 -9.46 -14.51
C PHE B 174 22.37 -8.17 -14.58
N GLY B 175 22.67 -7.30 -15.54
CA GLY B 175 21.92 -6.07 -15.69
C GLY B 175 20.75 -6.25 -16.63
N GLY B 176 19.96 -5.20 -16.84
CA GLY B 176 18.83 -5.29 -17.76
C GLY B 176 17.55 -5.89 -17.20
N VAL B 177 17.38 -7.18 -17.43
CA VAL B 177 16.19 -7.90 -16.97
C VAL B 177 16.63 -9.17 -16.24
N SER B 178 16.13 -9.37 -15.03
CA SER B 178 16.47 -10.56 -14.28
C SER B 178 15.30 -10.98 -13.41
N ALA B 179 15.37 -12.16 -12.84
CA ALA B 179 14.29 -12.66 -12.02
C ALA B 179 14.78 -13.52 -10.88
N LEU B 180 14.24 -13.25 -9.70
CA LEU B 180 14.56 -14.01 -8.49
C LEU B 180 13.26 -14.38 -7.82
N SER B 181 13.16 -15.61 -7.33
CA SER B 181 11.96 -16.02 -6.62
C SER B 181 12.01 -15.34 -5.26
N LYS B 182 10.91 -15.39 -4.52
CA LYS B 182 10.88 -14.77 -3.20
C LYS B 182 12.02 -15.29 -2.32
N GLN B 183 12.19 -16.62 -2.25
CA GLN B 183 13.25 -17.12 -1.40
C GLN B 183 14.65 -16.72 -1.88
N GLN B 184 14.89 -16.75 -3.20
CA GLN B 184 16.23 -16.37 -3.70
C GLN B 184 16.55 -14.92 -3.33
N PHE B 185 15.55 -14.05 -3.43
CA PHE B 185 15.74 -12.64 -3.11
C PHE B 185 16.01 -12.44 -1.62
N LEU B 186 15.31 -13.16 -0.75
CA LEU B 186 15.54 -13.00 0.69
C LEU B 186 16.90 -13.58 1.10
N SER B 187 17.28 -14.67 0.45
CA SER B 187 18.54 -15.33 0.74
C SER B 187 19.78 -14.42 0.59
N ILE B 188 19.69 -13.37 -0.23
CA ILE B 188 20.83 -12.47 -0.40
C ILE B 188 20.61 -11.12 0.29
N ASN B 189 19.55 -11.02 1.08
CA ASN B 189 19.22 -9.78 1.78
C ASN B 189 18.91 -8.73 0.73
N GLY B 190 18.21 -9.16 -0.30
CA GLY B 190 17.86 -8.24 -1.35
C GLY B 190 19.03 -7.69 -2.14
N PHE B 191 18.87 -6.45 -2.59
CA PHE B 191 19.88 -5.80 -3.39
C PHE B 191 20.49 -4.68 -2.57
N PRO B 192 21.62 -4.12 -3.04
CA PRO B 192 22.21 -3.04 -2.24
C PRO B 192 21.41 -1.74 -2.35
N ASN B 193 21.41 -0.96 -1.28
CA ASN B 193 20.74 0.34 -1.26
C ASN B 193 21.81 1.43 -1.39
N ASN B 194 23.07 1.04 -1.31
CA ASN B 194 24.18 2.00 -1.33
C ASN B 194 24.86 2.37 -2.64
N TYR B 195 24.32 1.93 -3.76
CA TYR B 195 24.90 2.30 -5.04
C TYR B 195 24.06 3.44 -5.59
N TRP B 196 24.65 4.63 -5.65
CA TRP B 196 23.99 5.82 -6.16
C TRP B 196 24.64 6.19 -7.46
N GLY B 197 23.84 6.51 -8.46
CA GLY B 197 24.43 6.84 -9.72
C GLY B 197 24.55 5.55 -10.48
N TRP B 198 25.08 5.63 -11.70
CA TRP B 198 25.19 4.51 -12.60
C TRP B 198 26.33 3.52 -12.37
N GLY B 199 26.04 2.25 -12.65
CA GLY B 199 27.00 1.16 -12.59
C GLY B 199 27.36 0.33 -11.36
N GLY B 200 27.66 -0.93 -11.61
CA GLY B 200 28.08 -1.82 -10.53
C GLY B 200 27.05 -2.52 -9.65
N GLU B 201 25.89 -1.91 -9.44
CA GLU B 201 24.88 -2.49 -8.56
C GLU B 201 24.48 -3.88 -9.04
N ASP B 202 24.44 -4.07 -10.35
CA ASP B 202 24.08 -5.38 -10.87
C ASP B 202 25.24 -6.36 -10.66
N ASP B 203 26.48 -5.88 -10.78
CA ASP B 203 27.62 -6.76 -10.54
C ASP B 203 27.67 -7.12 -9.03
N ASP B 204 27.22 -6.19 -8.21
CA ASP B 204 27.20 -6.43 -6.78
C ASP B 204 26.20 -7.56 -6.51
N ILE B 205 25.04 -7.50 -7.18
CA ILE B 205 23.99 -8.50 -7.00
C ILE B 205 24.48 -9.85 -7.44
N TYR B 206 25.19 -9.88 -8.57
CA TYR B 206 25.78 -11.13 -9.07
C TYR B 206 26.65 -11.75 -7.97
N ASN B 207 27.52 -10.95 -7.37
CA ASN B 207 28.39 -11.43 -6.29
C ASN B 207 27.55 -12.03 -5.16
N ARG B 208 26.49 -11.33 -4.79
CA ARG B 208 25.65 -11.79 -3.69
C ARG B 208 25.11 -13.17 -3.97
N LEU B 209 24.71 -13.40 -5.21
CA LEU B 209 24.18 -14.70 -5.62
C LEU B 209 25.23 -15.80 -5.47
N ALA B 210 26.45 -15.54 -5.93
CA ALA B 210 27.51 -16.54 -5.84
C ALA B 210 27.87 -16.84 -4.40
N PHE B 211 28.02 -15.80 -3.59
CA PHE B 211 28.39 -16.00 -2.21
C PHE B 211 27.38 -16.87 -1.49
N ARG B 212 26.11 -16.73 -1.88
CA ARG B 212 25.06 -17.53 -1.27
C ARG B 212 24.93 -18.87 -1.99
N GLY B 213 25.95 -19.21 -2.77
CA GLY B 213 25.96 -20.49 -3.45
C GLY B 213 25.02 -20.74 -4.61
N MET B 214 24.40 -19.70 -5.17
CA MET B 214 23.50 -19.93 -6.29
C MET B 214 24.23 -19.63 -7.59
N SER B 215 23.74 -20.19 -8.69
CA SER B 215 24.34 -19.92 -9.98
C SER B 215 23.26 -19.28 -10.84
N VAL B 216 23.62 -18.73 -11.98
CA VAL B 216 22.64 -18.05 -12.81
C VAL B 216 22.11 -18.86 -13.94
N SER B 217 20.79 -18.93 -14.05
CA SER B 217 20.10 -19.64 -15.13
C SER B 217 19.81 -18.64 -16.25
N ARG B 218 20.05 -19.04 -17.49
CA ARG B 218 19.80 -18.14 -18.62
C ARG B 218 19.21 -18.87 -19.81
N PRO B 219 18.43 -18.15 -20.63
CA PRO B 219 17.86 -18.80 -21.81
C PRO B 219 18.99 -18.74 -22.84
N ASN B 220 18.97 -19.59 -23.87
CA ASN B 220 20.01 -19.53 -24.90
C ASN B 220 19.89 -18.20 -25.68
N ALA B 221 20.93 -17.85 -26.41
CA ALA B 221 20.96 -16.58 -27.12
C ALA B 221 19.93 -16.37 -28.19
N VAL B 222 19.37 -17.46 -28.73
CA VAL B 222 18.37 -17.34 -29.77
C VAL B 222 17.06 -16.77 -29.21
N ILE B 223 16.56 -17.34 -28.13
CA ILE B 223 15.32 -16.81 -27.60
C ILE B 223 15.51 -15.65 -26.61
N GLY B 224 16.75 -15.39 -26.20
CA GLY B 224 17.02 -14.32 -25.25
C GLY B 224 17.35 -13.00 -25.89
N LYS B 225 17.14 -12.92 -27.19
CA LYS B 225 17.38 -11.70 -27.93
C LYS B 225 16.46 -10.62 -27.41
N THR B 226 16.98 -9.42 -27.18
CA THR B 226 16.12 -8.36 -26.72
C THR B 226 16.63 -7.02 -27.23
N ARG B 227 15.73 -6.06 -27.40
CA ARG B 227 16.12 -4.75 -27.92
C ARG B 227 16.17 -3.73 -26.83
N HIS B 228 17.11 -2.81 -26.96
CA HIS B 228 17.25 -1.73 -25.99
C HIS B 228 16.92 -0.43 -26.72
N ILE B 229 16.01 0.36 -26.17
CA ILE B 229 15.66 1.62 -26.83
C ILE B 229 16.83 2.56 -26.64
N ARG B 230 17.55 2.88 -27.70
CA ARG B 230 18.70 3.75 -27.55
C ARG B 230 18.31 5.07 -26.89
N HIS B 231 19.15 5.54 -25.99
CA HIS B 231 18.85 6.79 -25.30
C HIS B 231 20.10 7.51 -24.87
N SER B 232 19.92 8.75 -24.42
CA SER B 232 21.05 9.54 -23.96
C SER B 232 21.14 9.39 -22.44
N ARG B 233 22.23 9.86 -21.83
CA ARG B 233 22.37 9.76 -20.39
C ARG B 233 21.40 10.70 -19.67
N ASP B 234 20.78 10.22 -18.59
CA ASP B 234 19.87 11.05 -17.82
C ASP B 234 20.70 11.86 -16.86
N LYS B 235 20.21 13.02 -16.47
CA LYS B 235 20.93 13.85 -15.51
C LYS B 235 20.75 13.18 -14.15
N LYS B 236 21.74 13.29 -13.29
CA LYS B 236 21.66 12.72 -11.95
C LYS B 236 21.76 11.21 -11.88
N ASN B 237 22.44 10.62 -12.87
CA ASN B 237 22.71 9.19 -12.89
C ASN B 237 24.06 9.02 -13.57
N GLU B 238 25.00 9.88 -13.20
CA GLU B 238 26.36 9.83 -13.74
C GLU B 238 27.00 8.59 -13.16
N PRO B 239 28.04 8.07 -13.82
CA PRO B 239 28.74 6.88 -13.35
C PRO B 239 29.19 7.09 -11.91
N ASN B 240 28.92 6.11 -11.07
CA ASN B 240 29.30 6.18 -9.67
C ASN B 240 30.77 5.79 -9.58
N PRO B 241 31.63 6.73 -9.18
CA PRO B 241 33.07 6.49 -9.05
C PRO B 241 33.49 5.52 -7.94
N GLN B 242 32.56 5.19 -7.04
CA GLN B 242 32.85 4.26 -5.95
C GLN B 242 32.49 2.83 -6.32
N ARG B 243 31.86 2.65 -7.48
CA ARG B 243 31.41 1.31 -7.86
C ARG B 243 32.44 0.20 -7.86
N PHE B 244 33.62 0.48 -8.43
CA PHE B 244 34.67 -0.50 -8.54
C PHE B 244 35.17 -0.98 -7.19
N ASP B 245 35.22 -0.08 -6.23
CA ASP B 245 35.65 -0.44 -4.89
C ASP B 245 34.51 -1.17 -4.17
N ARG B 246 33.28 -0.72 -4.35
CA ARG B 246 32.17 -1.37 -3.67
C ARG B 246 32.01 -2.83 -4.12
N ILE B 247 32.17 -3.08 -5.41
CA ILE B 247 32.08 -4.43 -5.95
C ILE B 247 33.12 -5.39 -5.35
N ALA B 248 34.25 -4.85 -4.94
CA ALA B 248 35.31 -5.66 -4.38
C ALA B 248 35.02 -6.11 -2.97
N HIS B 249 34.10 -5.43 -2.29
CA HIS B 249 33.74 -5.76 -0.91
C HIS B 249 32.29 -6.21 -0.68
N THR B 250 31.64 -6.69 -1.74
CA THR B 250 30.26 -7.13 -1.60
C THR B 250 30.07 -8.14 -0.46
N LYS B 251 31.06 -9.02 -0.29
CA LYS B 251 30.95 -10.05 0.74
C LYS B 251 30.82 -9.50 2.15
N GLU B 252 31.46 -8.37 2.41
CA GLU B 252 31.45 -7.72 3.71
C GLU B 252 30.24 -6.82 3.93
N THR B 253 29.66 -6.30 2.85
CA THR B 253 28.53 -5.39 2.96
C THR B 253 27.14 -5.95 2.68
N MET B 254 27.05 -6.99 1.88
CA MET B 254 25.72 -7.50 1.52
C MET B 254 24.74 -7.76 2.65
N LEU B 255 25.20 -8.38 3.73
CA LEU B 255 24.31 -8.68 4.83
C LEU B 255 23.88 -7.46 5.67
N SER B 256 24.57 -6.34 5.46
CA SER B 256 24.29 -5.09 6.19
C SER B 256 23.54 -4.08 5.33
N ASP B 257 23.71 -4.16 4.01
CA ASP B 257 23.04 -3.25 3.11
C ASP B 257 22.09 -3.97 2.17
N GLY B 258 20.80 -3.91 2.51
CA GLY B 258 19.79 -4.56 1.71
C GLY B 258 18.41 -4.48 2.32
N LEU B 259 17.69 -5.59 2.30
CA LEU B 259 16.35 -5.63 2.81
C LEU B 259 16.25 -5.23 4.29
N ASN B 260 17.20 -5.70 5.09
CA ASN B 260 17.22 -5.42 6.51
C ASN B 260 17.44 -3.94 6.84
N SER B 261 17.95 -3.17 5.89
CA SER B 261 18.19 -1.76 6.13
C SER B 261 17.52 -0.86 5.13
N LEU B 262 16.45 -1.34 4.51
CA LEU B 262 15.73 -0.52 3.55
C LEU B 262 14.77 0.44 4.28
N THR B 263 14.90 1.74 4.02
CA THR B 263 14.02 2.74 4.63
C THR B 263 13.59 3.64 3.50
N TYR B 264 12.32 4.03 3.48
CA TYR B 264 11.81 4.90 2.42
C TYR B 264 10.43 5.36 2.74
N MET B 265 9.95 6.29 1.94
CA MET B 265 8.63 6.86 2.11
C MET B 265 7.82 6.80 0.83
N VAL B 266 6.67 6.11 0.90
CA VAL B 266 5.76 6.03 -0.22
C VAL B 266 5.06 7.38 -0.17
N LEU B 267 5.16 8.16 -1.24
CA LEU B 267 4.54 9.47 -1.28
C LEU B 267 3.21 9.49 -2.01
N GLU B 268 3.06 8.55 -2.92
CA GLU B 268 1.86 8.51 -3.72
C GLU B 268 1.73 7.17 -4.42
N VAL B 269 0.51 6.69 -4.55
CA VAL B 269 0.26 5.45 -5.27
C VAL B 269 -0.87 5.76 -6.24
N GLN B 270 -0.67 5.42 -7.51
CA GLN B 270 -1.68 5.68 -8.52
C GLN B 270 -1.82 4.41 -9.34
N ARG B 271 -3.01 3.83 -9.35
CA ARG B 271 -3.21 2.63 -10.15
C ARG B 271 -3.80 2.96 -11.52
N TYR B 272 -3.03 2.68 -12.57
CA TYR B 272 -3.50 2.92 -13.94
C TYR B 272 -4.00 1.59 -14.47
N PRO B 273 -4.67 1.62 -15.63
CA PRO B 273 -5.14 0.33 -16.16
C PRO B 273 -4.03 -0.63 -16.55
N LEU B 274 -2.87 -0.10 -16.94
CA LEU B 274 -1.77 -0.96 -17.38
C LEU B 274 -0.62 -1.16 -16.38
N TYR B 275 -0.65 -0.48 -15.25
CA TYR B 275 0.41 -0.64 -14.24
C TYR B 275 0.15 0.17 -12.98
N THR B 276 0.82 -0.20 -11.90
CA THR B 276 0.68 0.52 -10.65
C THR B 276 1.94 1.35 -10.48
N LYS B 277 1.76 2.64 -10.23
CA LYS B 277 2.89 3.54 -10.06
C LYS B 277 3.06 3.94 -8.61
N ILE B 278 4.24 3.66 -8.07
CA ILE B 278 4.51 3.99 -6.69
C ILE B 278 5.63 5.01 -6.66
N THR B 279 5.29 6.21 -6.19
CA THR B 279 6.25 7.30 -6.11
C THR B 279 6.90 7.25 -4.71
N VAL B 280 8.22 7.37 -4.67
CA VAL B 280 8.88 7.25 -3.39
C VAL B 280 10.08 8.12 -3.11
N ASP B 281 10.25 8.42 -1.83
CA ASP B 281 11.39 9.20 -1.37
C ASP B 281 12.35 8.15 -0.79
N ILE B 282 13.45 7.89 -1.51
CA ILE B 282 14.41 6.88 -1.07
C ILE B 282 15.67 7.53 -0.52
N GLY B 283 15.52 8.76 -0.03
CA GLY B 283 16.64 9.48 0.54
C GLY B 283 17.75 9.93 -0.39
N THR B 284 18.89 10.27 0.20
CA THR B 284 20.05 10.74 -0.54
C THR B 284 21.33 9.96 -0.24
N PRO B 285 22.32 10.05 -1.15
CA PRO B 285 23.62 9.38 -1.04
C PRO B 285 24.49 9.69 0.18
N SER B 286 25.55 8.89 0.31
CA SER B 286 26.53 8.97 1.40
C SER B 286 25.89 8.37 2.65
#